data_6ER5
#
_entry.id   6ER5
#
_cell.length_a   103.330
_cell.length_b   103.330
_cell.length_c   191.550
_cell.angle_alpha   90.00
_cell.angle_beta   90.00
_cell.angle_gamma   90.00
#
_symmetry.space_group_name_H-M   'P 41 21 2'
#
loop_
_entity.id
_entity.type
_entity.pdbx_description
1 polymer 'Trypanothione reductase'
2 non-polymer 'FLAVIN-ADENINE DINUCLEOTIDE'
3 non-polymer '2-(diethylamino)ethyl 4-((3-(4-nitrophenyl)-3-oxopropyl)amino)benzoate'
4 non-polymer 'SULFATE ION'
#
_entity_poly.entity_id   1
_entity_poly.type   'polypeptide(L)'
_entity_poly.pdbx_seq_one_letter_code
;MSRAYDLVVLGAGSGGLEAGWNAAVTHKKKVAVVDVQATHGPPLFAALGGTCVNVGCVPKKLMVTGAQYMDLIRESGGFG
WEMDRESLCPNWKTLIAAKNKVVNSINESYKSMFADTEGLSFHMGFGALQDAHTVVVRKSEDPHSDVLETLDTEYILIAT
GSWPTRLGVPGDEFCITSNEAFYLEDAPKRMLCVGGGYIAVEFAGIFNGYKPCGGYVDLCYRGDLILRGFDTEVRKSLTK
QLGANGIRVRTNLNPTKITKNEDGSNHVHFNDGTEEDYDQVMLAIGRVPRSQALQLDKAGVRTGKNGAVQVDAYSKTSVD
NIYAIGDVTNRVMLTPVAINEGAAFVETVFGGKPRATDHTKVACAVFSIPPIGTCGMTEEEAAKNYETVAVYASSFTPLM
HNISGSKHKEFMIRIITNESNGEVLGVHMLGDSAPEIIQSVGICMKMGAKISDFHSTIGVHPTSAEELCSMRTPAYFYES
GKRVEKLS
;
_entity_poly.pdbx_strand_id   A
#
loop_
_chem_comp.id
_chem_comp.type
_chem_comp.name
_chem_comp.formula
BVN non-polymer '2-(diethylamino)ethyl 4-((3-(4-nitrophenyl)-3-oxopropyl)amino)benzoate' 'C22 H27 N3 O5'
FAD non-polymer 'FLAVIN-ADENINE DINUCLEOTIDE' 'C27 H33 N9 O15 P2'
SO4 non-polymer 'SULFATE ION' 'O4 S -2'
#
# COMPACT_ATOMS: atom_id res chain seq x y z
N MET A 1 -20.09 28.89 -22.84
CA MET A 1 -19.82 27.46 -22.71
C MET A 1 -18.34 27.16 -22.60
N SER A 2 -17.51 28.20 -22.52
CA SER A 2 -16.07 27.98 -22.37
C SER A 2 -15.61 28.33 -20.98
N ARG A 3 -15.15 27.32 -20.26
CA ARG A 3 -14.65 27.49 -18.90
C ARG A 3 -13.19 27.92 -18.93
N ALA A 4 -12.72 28.48 -17.82
CA ALA A 4 -11.33 28.90 -17.74
C ALA A 4 -10.40 27.72 -17.87
N TYR A 5 -10.75 26.60 -17.23
CA TYR A 5 -9.95 25.39 -17.29
C TYR A 5 -10.80 24.22 -17.77
N ASP A 6 -10.22 23.36 -18.61
CA ASP A 6 -10.97 22.19 -19.10
C ASP A 6 -11.22 21.17 -17.99
N LEU A 7 -10.22 21.02 -17.10
CA LEU A 7 -10.23 19.98 -16.09
C LEU A 7 -9.59 20.51 -14.81
N VAL A 8 -10.27 20.31 -13.68
CA VAL A 8 -9.73 20.59 -12.35
C VAL A 8 -9.54 19.24 -11.67
N VAL A 9 -8.33 18.99 -11.15
CA VAL A 9 -8.06 17.81 -10.33
C VAL A 9 -8.01 18.23 -8.85
N LEU A 10 -8.80 17.56 -8.01
CA LEU A 10 -8.71 17.73 -6.56
C LEU A 10 -7.77 16.69 -6.01
N GLY A 11 -6.49 17.04 -5.94
CA GLY A 11 -5.44 16.20 -5.37
C GLY A 11 -4.36 15.87 -6.39
N ALA A 12 -3.17 16.42 -6.19
CA ALA A 12 -1.99 16.06 -7.00
C ALA A 12 -1.48 14.70 -6.58
N GLY A 13 -2.35 13.70 -6.69
CA GLY A 13 -2.11 12.36 -6.19
C GLY A 13 -1.44 11.54 -7.26
N SER A 14 -0.87 10.41 -6.88
CA SER A 14 -0.27 9.48 -7.84
C SER A 14 -1.19 9.32 -9.05
N GLY A 15 -2.47 9.08 -8.77
CA GLY A 15 -3.49 8.99 -9.82
C GLY A 15 -3.92 10.31 -10.45
N GLY A 16 -4.18 11.31 -9.62
CA GLY A 16 -4.66 12.62 -10.10
C GLY A 16 -3.63 13.40 -10.90
N LEU A 17 -2.48 13.60 -10.28
CA LEU A 17 -1.35 14.29 -10.90
C LEU A 17 -0.99 13.70 -12.27
N GLU A 18 -1.07 12.38 -12.41
CA GLU A 18 -0.93 11.69 -13.71
C GLU A 18 -1.95 12.17 -14.74
N ALA A 19 -3.22 12.16 -14.35
CA ALA A 19 -4.30 12.59 -15.23
C ALA A 19 -4.04 13.99 -15.74
N GLY A 20 -3.79 14.90 -14.81
CA GLY A 20 -3.48 16.29 -15.13
C GLY A 20 -2.37 16.44 -16.17
N TRP A 21 -1.25 15.76 -15.97
CA TRP A 21 -0.13 15.84 -16.90
C TRP A 21 -0.51 15.27 -18.25
N ASN A 22 -1.15 14.10 -18.26
CA ASN A 22 -1.51 13.43 -19.51
C ASN A 22 -2.43 14.28 -20.38
N ALA A 23 -3.46 14.85 -19.76
CA ALA A 23 -4.37 15.80 -20.42
C ALA A 23 -3.59 16.98 -21.03
N ALA A 24 -2.75 17.59 -20.20
CA ALA A 24 -2.05 18.83 -20.55
C ALA A 24 -0.98 18.68 -21.65
N VAL A 25 -0.43 17.48 -21.84
CA VAL A 25 0.73 17.30 -22.70
C VAL A 25 0.36 16.61 -24.02
N THR A 26 -0.24 15.42 -23.93
CA THR A 26 -0.65 14.69 -25.13
C THR A 26 -1.82 15.40 -25.81
N HIS A 27 -2.83 15.79 -25.03
CA HIS A 27 -4.04 16.45 -25.56
C HIS A 27 -4.13 17.97 -25.45
N LYS A 28 -3.21 18.61 -24.71
CA LYS A 28 -3.08 20.07 -24.69
C LYS A 28 -4.34 20.77 -24.16
N LYS A 29 -4.88 20.25 -23.06
CA LYS A 29 -6.02 20.86 -22.37
C LYS A 29 -5.49 21.84 -21.34
N LYS A 30 -6.36 22.80 -20.93
CA LYS A 30 -6.04 23.76 -19.86
C LYS A 30 -6.39 23.05 -18.55
N VAL A 31 -5.37 22.73 -17.76
CA VAL A 31 -5.55 21.89 -16.57
C VAL A 31 -5.15 22.64 -15.31
N ALA A 32 -5.87 22.34 -14.23
CA ALA A 32 -5.61 22.88 -12.92
C ALA A 32 -5.55 21.72 -11.93
N VAL A 33 -4.58 21.77 -11.03
CA VAL A 33 -4.39 20.71 -10.03
C VAL A 33 -4.38 21.35 -8.67
N VAL A 34 -5.24 20.87 -7.79
CA VAL A 34 -5.30 21.39 -6.43
C VAL A 34 -4.59 20.41 -5.51
N ASP A 35 -3.90 20.93 -4.51
CA ASP A 35 -3.37 20.12 -3.40
C ASP A 35 -3.14 21.01 -2.20
N VAL A 36 -2.71 20.41 -1.10
CA VAL A 36 -2.68 21.07 0.19
C VAL A 36 -1.28 21.62 0.52
N GLN A 37 -0.27 21.26 -0.25
CA GLN A 37 1.12 21.55 0.11
C GLN A 37 2.10 21.44 -1.06
N ALA A 38 3.21 22.15 -0.96
CA ALA A 38 4.27 22.07 -1.95
C ALA A 38 5.15 20.87 -1.64
N THR A 39 5.74 20.88 -0.44
CA THR A 39 6.68 19.86 0.04
C THR A 39 5.98 18.96 1.09
N HIS A 40 6.73 18.01 1.64
CA HIS A 40 6.14 16.87 2.37
C HIS A 40 5.94 17.07 3.87
N GLY A 41 5.65 18.30 4.31
CA GLY A 41 5.65 18.64 5.74
C GLY A 41 4.65 17.88 6.61
N PRO A 42 4.86 17.87 7.95
CA PRO A 42 3.92 17.15 8.83
C PRO A 42 2.48 17.71 8.87
N PRO A 43 2.27 18.98 9.27
CA PRO A 43 0.91 19.45 9.67
C PRO A 43 -0.24 18.80 8.87
N LEU A 44 -0.23 18.97 7.55
CA LEU A 44 -1.08 18.21 6.64
C LEU A 44 -0.07 17.38 5.88
N PHE A 45 -0.14 16.07 5.98
CA PHE A 45 1.02 15.21 5.68
C PHE A 45 1.31 15.04 4.17
N ALA A 46 0.25 14.74 3.43
CA ALA A 46 0.33 14.58 1.98
C ALA A 46 0.69 15.89 1.30
N ALA A 47 0.99 15.81 0.01
CA ALA A 47 1.46 16.97 -0.74
C ALA A 47 1.45 16.71 -2.23
N LEU A 48 1.88 17.71 -2.99
CA LEU A 48 2.22 17.57 -4.40
C LEU A 48 3.00 16.26 -4.62
N GLY A 49 2.38 15.33 -5.35
CA GLY A 49 2.95 13.98 -5.57
C GLY A 49 2.15 12.87 -4.92
N GLY A 50 1.37 13.22 -3.90
CA GLY A 50 0.39 12.32 -3.31
C GLY A 50 0.88 11.61 -2.08
N THR A 51 -0.01 10.81 -1.49
CA THR A 51 0.29 9.97 -0.33
C THR A 51 1.41 8.99 -0.64
N CYS A 52 1.57 8.61 -1.91
CA CYS A 52 2.62 7.66 -2.25
C CYS A 52 4.00 8.29 -2.10
N VAL A 53 4.23 9.38 -2.81
CA VAL A 53 5.54 10.02 -2.79
C VAL A 53 5.94 10.59 -1.40
N ASN A 54 4.96 11.08 -0.65
CA ASN A 54 5.22 11.90 0.56
C ASN A 54 5.17 11.13 1.88
N VAL A 55 4.10 10.37 2.10
CA VAL A 55 3.91 9.62 3.36
C VAL A 55 3.40 8.20 3.14
N GLY A 56 4.05 7.51 2.19
CA GLY A 56 3.71 6.14 1.84
C GLY A 56 4.80 5.38 1.10
N CYS A 57 4.38 4.63 0.08
CA CYS A 57 5.22 3.68 -0.67
C CYS A 57 6.71 4.02 -0.87
N VAL A 58 7.03 5.29 -1.15
CA VAL A 58 8.44 5.69 -1.40
C VAL A 58 9.25 5.76 -0.09
N PRO A 59 8.89 6.67 0.83
CA PRO A 59 9.64 6.68 2.09
C PRO A 59 9.57 5.34 2.86
N LYS A 60 8.38 4.74 2.90
CA LYS A 60 8.17 3.40 3.46
C LYS A 60 9.23 2.44 2.97
N LYS A 61 9.40 2.36 1.66
CA LYS A 61 10.38 1.47 1.04
C LYS A 61 11.82 1.79 1.44
N LEU A 62 12.16 3.08 1.52
CA LEU A 62 13.51 3.48 1.95
C LEU A 62 13.81 3.05 3.39
N MET A 63 12.83 3.18 4.26
CA MET A 63 12.98 2.71 5.64
C MET A 63 13.05 1.18 5.71
N VAL A 64 12.23 0.50 4.92
CA VAL A 64 12.30 -0.97 4.79
C VAL A 64 13.69 -1.38 4.27
N THR A 65 14.21 -0.63 3.30
CA THR A 65 15.55 -0.89 2.75
C THR A 65 16.61 -0.75 3.85
N GLY A 66 16.43 0.26 4.70
CA GLY A 66 17.30 0.49 5.86
C GLY A 66 17.26 -0.63 6.88
N ALA A 67 16.05 -0.99 7.29
CA ALA A 67 15.85 -2.03 8.31
C ALA A 67 16.38 -3.41 7.88
N GLN A 68 16.39 -3.66 6.57
CA GLN A 68 16.95 -4.90 6.02
C GLN A 68 18.41 -5.07 6.35
N TYR A 69 19.15 -3.97 6.39
CA TYR A 69 20.59 -4.02 6.65
C TYR A 69 20.93 -4.66 8.00
N MET A 70 20.04 -4.58 8.99
CA MET A 70 20.20 -5.31 10.25
C MET A 70 20.48 -6.79 10.02
N ASP A 71 19.63 -7.40 9.21
CA ASP A 71 19.71 -8.83 8.90
C ASP A 71 20.92 -9.14 8.02
N LEU A 72 21.21 -8.26 7.06
CA LEU A 72 22.33 -8.48 6.14
C LEU A 72 23.69 -8.33 6.82
N ILE A 73 23.80 -7.33 7.69
CA ILE A 73 24.98 -7.16 8.53
C ILE A 73 25.20 -8.46 9.31
N ARG A 74 24.17 -8.87 10.04
CA ARG A 74 24.19 -10.10 10.83
C ARG A 74 24.60 -11.30 9.94
N GLU A 75 23.92 -11.46 8.82
CA GLU A 75 24.11 -12.60 7.91
C GLU A 75 25.50 -12.75 7.30
N SER A 76 26.17 -11.62 7.10
CA SER A 76 27.49 -11.59 6.43
C SER A 76 28.53 -12.41 7.19
N GLY A 77 28.42 -12.43 8.52
CA GLY A 77 29.31 -13.19 9.40
C GLY A 77 29.64 -14.60 8.91
N GLY A 78 28.60 -15.31 8.46
CA GLY A 78 28.77 -16.65 7.89
C GLY A 78 29.73 -16.71 6.73
N PHE A 79 29.70 -15.69 5.87
CA PHE A 79 30.54 -15.62 4.68
C PHE A 79 31.90 -14.97 4.97
N GLY A 80 32.12 -14.58 6.23
CA GLY A 80 33.44 -14.21 6.73
C GLY A 80 33.68 -12.73 6.88
N TRP A 81 32.63 -12.00 7.21
CA TRP A 81 32.73 -10.57 7.43
C TRP A 81 32.73 -10.35 8.94
N GLU A 82 33.92 -10.10 9.47
CA GLU A 82 34.13 -9.91 10.89
C GLU A 82 34.16 -8.42 11.20
N MET A 83 33.37 -7.98 12.19
CA MET A 83 33.35 -6.57 12.61
C MET A 83 32.66 -6.40 13.97
N ASP A 84 32.56 -5.15 14.42
CA ASP A 84 31.76 -4.77 15.59
C ASP A 84 30.39 -5.47 15.64
N ARG A 85 30.25 -6.45 16.54
CA ARG A 85 28.98 -7.18 16.74
C ARG A 85 28.19 -6.58 17.89
N GLU A 86 28.85 -6.49 19.04
CA GLU A 86 28.25 -5.93 20.26
C GLU A 86 27.71 -4.50 20.05
N SER A 87 26.47 -4.26 20.48
CA SER A 87 25.87 -2.93 20.49
C SER A 87 25.82 -2.23 19.12
N LEU A 88 25.67 -3.01 18.04
CA LEU A 88 25.48 -2.43 16.71
C LEU A 88 23.99 -2.22 16.47
N CYS A 89 23.50 -1.09 16.99
CA CYS A 89 22.16 -0.59 16.70
C CYS A 89 22.32 0.55 15.68
N PRO A 90 21.21 0.97 15.02
CA PRO A 90 21.29 1.96 13.95
C PRO A 90 20.92 3.37 14.39
N ASN A 91 21.05 4.33 13.47
CA ASN A 91 20.84 5.75 13.75
C ASN A 91 19.63 6.31 12.98
N TRP A 92 18.49 6.33 13.65
CA TRP A 92 17.21 6.85 13.12
C TRP A 92 17.30 8.28 12.63
N LYS A 93 18.20 9.06 13.22
CA LYS A 93 18.42 10.44 12.81
C LYS A 93 18.82 10.44 11.34
N THR A 94 19.93 9.76 11.05
CA THR A 94 20.53 9.79 9.72
C THR A 94 19.68 9.14 8.66
N LEU A 95 18.79 8.21 9.05
CA LEU A 95 17.82 7.61 8.11
C LEU A 95 16.79 8.63 7.66
N ILE A 96 16.04 9.17 8.63
CA ILE A 96 14.93 10.04 8.33
C ILE A 96 15.47 11.30 7.67
N ALA A 97 16.64 11.75 8.13
CA ALA A 97 17.38 12.86 7.52
C ALA A 97 17.56 12.67 6.02
N ALA A 98 18.25 11.58 5.65
CA ALA A 98 18.48 11.25 4.25
C ALA A 98 17.19 10.84 3.51
N LYS A 99 16.23 10.26 4.23
CA LYS A 99 14.90 9.98 3.67
C LYS A 99 14.24 11.25 3.20
N ASN A 100 14.13 12.23 4.10
CA ASN A 100 13.44 13.48 3.82
C ASN A 100 14.04 14.18 2.61
N LYS A 101 15.37 14.27 2.60
CA LYS A 101 16.14 14.80 1.46
C LYS A 101 15.62 14.24 0.14
N VAL A 102 15.50 12.91 0.06
CA VAL A 102 15.00 12.20 -1.15
C VAL A 102 13.57 12.61 -1.52
N VAL A 103 12.67 12.50 -0.56
CA VAL A 103 11.26 12.89 -0.78
C VAL A 103 11.17 14.36 -1.14
N ASN A 104 11.95 15.18 -0.44
CA ASN A 104 11.98 16.62 -0.69
C ASN A 104 12.37 16.91 -2.11
N SER A 105 13.40 16.23 -2.60
CA SER A 105 13.88 16.42 -3.97
C SER A 105 12.85 16.01 -5.05
N ILE A 106 11.92 15.14 -4.71
CA ILE A 106 10.82 14.81 -5.64
C ILE A 106 9.79 15.94 -5.67
N ASN A 107 9.43 16.46 -4.51
CA ASN A 107 8.53 17.62 -4.44
C ASN A 107 9.09 18.77 -5.27
N GLU A 108 10.40 18.98 -5.14
CA GLU A 108 11.16 19.95 -5.94
C GLU A 108 11.09 19.62 -7.42
N SER A 109 11.09 18.33 -7.76
CA SER A 109 10.89 17.90 -9.15
C SER A 109 9.53 18.34 -9.69
N TYR A 110 8.48 18.17 -8.89
CA TYR A 110 7.13 18.56 -9.32
C TYR A 110 6.96 20.07 -9.51
N LYS A 111 7.60 20.89 -8.68
CA LYS A 111 7.52 22.34 -8.83
C LYS A 111 7.92 22.78 -10.24
N SER A 112 9.07 22.31 -10.70
CA SER A 112 9.57 22.66 -12.02
C SER A 112 8.97 21.82 -13.17
N MET A 113 8.11 20.85 -12.85
CA MET A 113 7.23 20.25 -13.87
C MET A 113 6.17 21.26 -14.25
N PHE A 114 5.42 21.74 -13.26
CA PHE A 114 4.34 22.73 -13.48
C PHE A 114 4.81 24.00 -14.19
N ALA A 115 5.96 24.52 -13.76
CA ALA A 115 6.60 25.64 -14.44
C ALA A 115 6.87 25.33 -15.92
N ASP A 116 7.49 24.18 -16.19
CA ASP A 116 7.89 23.82 -17.57
C ASP A 116 6.74 23.40 -18.49
N THR A 117 5.57 23.06 -17.93
CA THR A 117 4.52 22.41 -18.70
C THR A 117 3.48 23.40 -19.23
N GLU A 118 2.99 23.10 -20.44
CA GLU A 118 2.02 23.91 -21.18
C GLU A 118 0.61 23.86 -20.57
N GLY A 119 0.22 24.92 -19.86
CA GLY A 119 -1.14 25.01 -19.29
C GLY A 119 -1.50 24.01 -18.19
N LEU A 120 -0.50 23.56 -17.45
CA LEU A 120 -0.69 22.74 -16.26
C LEU A 120 -0.43 23.69 -15.08
N SER A 121 -1.45 23.93 -14.25
CA SER A 121 -1.36 24.93 -13.17
C SER A 121 -1.66 24.32 -11.78
N PHE A 122 -0.77 24.59 -10.82
CA PHE A 122 -0.93 24.12 -9.44
C PHE A 122 -1.63 25.18 -8.58
N HIS A 123 -2.53 24.74 -7.69
CA HIS A 123 -3.32 25.65 -6.86
C HIS A 123 -3.35 25.11 -5.44
N MET A 124 -2.65 25.79 -4.52
CA MET A 124 -2.49 25.29 -3.15
C MET A 124 -3.67 25.72 -2.27
N GLY A 125 -4.53 24.75 -1.96
CA GLY A 125 -5.64 24.96 -1.04
C GLY A 125 -6.44 23.70 -0.73
N PHE A 126 -7.70 23.88 -0.36
CA PHE A 126 -8.61 22.78 -0.06
C PHE A 126 -9.80 22.82 -1.01
N GLY A 127 -9.74 21.97 -2.03
CA GLY A 127 -10.79 21.87 -3.05
C GLY A 127 -12.13 21.40 -2.49
N ALA A 128 -13.17 22.20 -2.73
CA ALA A 128 -14.55 21.83 -2.46
C ALA A 128 -15.33 21.99 -3.76
N LEU A 129 -16.47 21.32 -3.88
CA LEU A 129 -17.37 21.52 -5.01
C LEU A 129 -18.46 22.51 -4.63
N GLN A 130 -18.60 23.56 -5.45
CA GLN A 130 -19.71 24.51 -5.32
C GLN A 130 -20.85 23.97 -6.17
N ASP A 131 -20.54 23.60 -7.40
CA ASP A 131 -21.47 22.92 -8.28
C ASP A 131 -20.72 22.08 -9.33
N ALA A 132 -21.48 21.49 -10.24
CA ALA A 132 -20.95 20.67 -11.33
C ALA A 132 -19.77 21.26 -12.13
N HIS A 133 -19.64 22.59 -12.16
CA HIS A 133 -18.56 23.24 -12.90
C HIS A 133 -17.70 24.24 -12.11
N THR A 134 -17.95 24.38 -10.82
CA THR A 134 -17.26 25.36 -10.00
C THR A 134 -16.57 24.67 -8.83
N VAL A 135 -15.25 24.88 -8.71
CA VAL A 135 -14.44 24.32 -7.62
C VAL A 135 -13.90 25.46 -6.76
N VAL A 136 -14.34 25.50 -5.51
CA VAL A 136 -13.85 26.47 -4.52
C VAL A 136 -12.46 26.02 -4.11
N VAL A 137 -11.62 26.96 -3.66
CA VAL A 137 -10.32 26.61 -3.09
C VAL A 137 -10.13 27.43 -1.82
N ARG A 138 -10.48 26.83 -0.68
CA ARG A 138 -10.34 27.48 0.64
C ARG A 138 -8.92 27.29 1.18
N LYS A 139 -8.53 28.15 2.14
CA LYS A 139 -7.23 28.00 2.83
C LYS A 139 -7.29 27.10 4.06
N SER A 140 -8.50 26.81 4.56
CA SER A 140 -8.74 25.79 5.57
C SER A 140 -9.60 24.65 4.96
N GLU A 141 -9.53 23.48 5.59
CA GLU A 141 -10.47 22.40 5.30
C GLU A 141 -11.88 22.83 5.75
N ASP A 142 -11.92 23.64 6.82
CA ASP A 142 -13.10 24.37 7.32
C ASP A 142 -13.88 25.06 6.19
N PRO A 143 -15.16 24.67 5.96
CA PRO A 143 -15.99 25.38 4.96
C PRO A 143 -16.34 26.85 5.26
N HIS A 144 -16.10 27.31 6.49
CA HIS A 144 -16.25 28.73 6.83
C HIS A 144 -15.13 29.63 6.27
N SER A 145 -13.92 29.10 6.10
CA SER A 145 -12.72 29.95 5.93
C SER A 145 -12.62 30.73 4.61
N ASP A 146 -11.59 31.59 4.53
CA ASP A 146 -11.28 32.42 3.35
C ASP A 146 -11.17 31.62 2.07
N VAL A 147 -11.52 32.27 0.96
CA VAL A 147 -11.59 31.65 -0.36
C VAL A 147 -10.44 32.21 -1.24
N LEU A 148 -9.49 31.35 -1.60
CA LEU A 148 -8.30 31.77 -2.36
C LEU A 148 -8.50 31.86 -3.87
N GLU A 149 -9.25 30.91 -4.43
CA GLU A 149 -9.56 30.89 -5.86
C GLU A 149 -10.93 30.25 -6.11
N THR A 150 -11.52 30.53 -7.26
CA THR A 150 -12.75 29.85 -7.71
C THR A 150 -12.55 29.37 -9.14
N LEU A 151 -12.32 28.07 -9.29
CA LEU A 151 -11.93 27.49 -10.56
C LEU A 151 -13.18 27.09 -11.35
N ASP A 152 -13.27 27.62 -12.56
CA ASP A 152 -14.41 27.41 -13.44
C ASP A 152 -13.98 26.36 -14.47
N THR A 153 -14.72 25.26 -14.61
CA THR A 153 -14.24 24.12 -15.41
C THR A 153 -15.30 23.22 -16.05
N GLU A 154 -14.95 22.66 -17.22
CA GLU A 154 -15.83 21.76 -17.98
C GLU A 154 -15.96 20.42 -17.25
N TYR A 155 -14.82 19.92 -16.76
CA TYR A 155 -14.76 18.67 -15.99
C TYR A 155 -14.10 18.83 -14.62
N ILE A 156 -14.44 17.91 -13.73
CA ILE A 156 -13.80 17.76 -12.42
C ILE A 156 -13.36 16.31 -12.31
N LEU A 157 -12.23 16.09 -11.63
CA LEU A 157 -11.73 14.76 -11.29
C LEU A 157 -11.39 14.78 -9.82
N ILE A 158 -12.01 13.88 -9.05
CA ILE A 158 -11.77 13.82 -7.61
C ILE A 158 -10.74 12.72 -7.39
N ALA A 159 -9.54 13.11 -6.99
CA ALA A 159 -8.44 12.17 -6.73
C ALA A 159 -7.81 12.50 -5.38
N THR A 160 -8.66 12.73 -4.38
CA THR A 160 -8.21 13.17 -3.06
C THR A 160 -7.66 12.04 -2.18
N GLY A 161 -7.82 10.80 -2.62
CA GLY A 161 -7.20 9.68 -1.94
C GLY A 161 -7.89 9.28 -0.65
N SER A 162 -7.09 8.96 0.37
CA SER A 162 -7.57 8.33 1.61
C SER A 162 -6.88 8.86 2.87
N TRP A 163 -7.43 8.53 4.03
CA TRP A 163 -6.91 8.98 5.32
C TRP A 163 -6.95 7.84 6.37
N PRO A 164 -5.97 7.80 7.32
CA PRO A 164 -5.96 6.72 8.32
C PRO A 164 -7.22 6.59 9.16
N THR A 165 -7.70 5.35 9.31
CA THR A 165 -8.82 5.05 10.20
C THR A 165 -8.33 5.14 11.65
N ARG A 166 -9.27 5.42 12.54
CA ARG A 166 -8.94 5.69 13.93
C ARG A 166 -9.82 4.78 14.78
N LEU A 167 -9.23 4.04 15.71
CA LEU A 167 -10.03 3.18 16.61
C LEU A 167 -10.67 4.06 17.69
N GLY A 168 -12.00 4.00 17.78
CA GLY A 168 -12.76 4.89 18.66
C GLY A 168 -12.80 4.43 20.10
N VAL A 169 -11.79 4.81 20.89
CA VAL A 169 -11.71 4.49 22.31
C VAL A 169 -11.02 5.59 23.11
N PRO A 170 -11.23 5.61 24.44
CA PRO A 170 -10.45 6.49 25.33
C PRO A 170 -8.93 6.24 25.29
N GLY A 171 -8.17 7.32 25.14
CA GLY A 171 -6.72 7.26 24.91
C GLY A 171 -6.29 7.43 23.45
N ASP A 172 -7.25 7.28 22.51
CA ASP A 172 -6.99 7.32 21.06
C ASP A 172 -6.11 8.49 20.59
N GLU A 173 -6.38 9.67 21.13
CA GLU A 173 -5.57 10.88 20.82
C GLU A 173 -4.06 10.74 21.12
N PHE A 174 -3.65 9.89 22.06
CA PHE A 174 -2.22 9.68 22.36
C PHE A 174 -1.44 8.87 21.30
N CYS A 175 -2.14 8.17 20.40
CA CYS A 175 -1.52 7.27 19.43
C CYS A 175 -0.95 8.00 18.22
N ILE A 176 -0.33 7.27 17.29
CA ILE A 176 0.13 7.83 16.00
C ILE A 176 -0.36 6.96 14.83
N THR A 177 -0.04 7.37 13.60
CA THR A 177 -0.30 6.55 12.39
C THR A 177 0.91 6.58 11.46
N SER A 178 0.82 5.84 10.34
CA SER A 178 1.86 5.86 9.30
C SER A 178 2.38 7.28 9.05
N ASN A 179 1.44 8.20 8.90
CA ASN A 179 1.73 9.62 8.66
C ASN A 179 2.71 10.20 9.69
N GLU A 180 2.33 10.20 10.96
CA GLU A 180 3.18 10.74 12.04
C GLU A 180 4.47 9.92 12.23
N ALA A 181 4.39 8.63 11.92
CA ALA A 181 5.51 7.70 12.05
C ALA A 181 6.72 8.06 11.19
N PHE A 182 6.46 8.68 10.04
CA PHE A 182 7.54 9.11 9.14
C PHE A 182 8.40 10.25 9.69
N TYR A 183 7.84 11.04 10.62
CA TYR A 183 8.55 12.18 11.20
C TYR A 183 8.64 12.04 12.73
N LEU A 184 9.01 10.84 13.21
CA LEU A 184 9.22 10.63 14.65
C LEU A 184 10.53 11.26 15.07
N GLU A 185 10.61 11.61 16.34
CA GLU A 185 11.79 12.25 16.90
C GLU A 185 12.96 11.26 16.87
N ASP A 186 12.83 10.17 17.63
CA ASP A 186 13.85 9.12 17.70
C ASP A 186 13.20 7.78 17.38
N ALA A 187 14.04 6.74 17.32
CA ALA A 187 13.57 5.37 17.19
C ALA A 187 12.90 4.96 18.48
N PRO A 188 11.65 4.46 18.43
CA PRO A 188 11.04 4.00 19.67
C PRO A 188 11.66 2.68 20.15
N LYS A 189 11.98 2.62 21.44
CA LYS A 189 12.51 1.41 22.08
C LYS A 189 11.40 0.39 22.25
N ARG A 190 10.32 0.80 22.90
CA ARG A 190 9.21 -0.07 23.24
C ARG A 190 8.03 0.30 22.36
N MET A 191 7.88 -0.41 21.23
CA MET A 191 6.90 -0.05 20.19
C MET A 191 5.75 -1.04 20.12
N LEU A 192 4.54 -0.52 19.96
CA LEU A 192 3.35 -1.31 19.63
C LEU A 192 2.83 -0.88 18.27
N CYS A 193 2.60 -1.84 17.38
CA CYS A 193 1.93 -1.59 16.11
C CYS A 193 0.58 -2.29 16.17
N VAL A 194 -0.49 -1.51 16.24
CA VAL A 194 -1.84 -2.07 16.31
C VAL A 194 -2.34 -2.28 14.89
N GLY A 195 -3.05 -3.39 14.68
CA GLY A 195 -3.60 -3.77 13.38
C GLY A 195 -2.78 -4.83 12.68
N GLY A 196 -3.35 -5.41 11.63
CA GLY A 196 -2.70 -6.46 10.82
C GLY A 196 -2.78 -6.23 9.33
N GLY A 197 -2.88 -4.95 8.93
CA GLY A 197 -2.81 -4.56 7.53
C GLY A 197 -1.37 -4.51 7.07
N TYR A 198 -1.17 -4.54 5.75
CA TYR A 198 0.17 -4.49 5.16
C TYR A 198 1.03 -3.30 5.66
N ILE A 199 0.37 -2.23 6.09
CA ILE A 199 1.03 -1.05 6.66
C ILE A 199 1.66 -1.40 8.02
N ALA A 200 0.85 -2.01 8.89
CA ALA A 200 1.30 -2.48 10.22
C ALA A 200 2.54 -3.37 10.15
N VAL A 201 2.50 -4.32 9.21
CA VAL A 201 3.47 -5.38 9.13
C VAL A 201 4.79 -4.89 8.53
N GLU A 202 4.69 -3.91 7.64
CA GLU A 202 5.87 -3.25 7.11
C GLU A 202 6.53 -2.46 8.21
N PHE A 203 5.75 -1.60 8.86
CA PHE A 203 6.25 -0.70 9.89
C PHE A 203 6.76 -1.41 11.13
N ALA A 204 6.07 -2.49 11.52
CA ALA A 204 6.60 -3.39 12.53
C ALA A 204 8.03 -3.74 12.15
N GLY A 205 8.18 -4.26 10.92
CA GLY A 205 9.50 -4.51 10.34
C GLY A 205 10.49 -3.35 10.45
N ILE A 206 10.04 -2.15 10.12
CA ILE A 206 10.89 -0.95 10.18
C ILE A 206 11.38 -0.69 11.61
N PHE A 207 10.44 -0.45 12.53
CA PHE A 207 10.78 -0.10 13.91
C PHE A 207 11.62 -1.16 14.57
N ASN A 208 11.33 -2.42 14.22
CA ASN A 208 12.10 -3.58 14.67
C ASN A 208 13.54 -3.55 14.17
N GLY A 209 13.71 -3.12 12.92
CA GLY A 209 15.03 -2.94 12.34
C GLY A 209 15.78 -1.77 12.96
N TYR A 210 15.04 -0.68 13.21
CA TYR A 210 15.61 0.56 13.76
C TYR A 210 15.43 0.74 15.27
N LYS A 211 14.98 -0.29 15.97
CA LYS A 211 14.89 -0.22 17.43
C LYS A 211 16.31 -0.02 18.03
N PRO A 212 16.40 0.77 19.12
CA PRO A 212 17.66 0.94 19.82
C PRO A 212 18.09 -0.34 20.52
N CYS A 213 19.23 -0.32 21.19
CA CYS A 213 19.70 -1.49 21.91
C CYS A 213 18.79 -1.70 23.12
N GLY A 214 18.50 -2.97 23.40
CA GLY A 214 17.56 -3.35 24.46
C GLY A 214 16.07 -3.34 24.11
N GLY A 215 15.71 -2.74 22.98
CA GLY A 215 14.31 -2.53 22.63
C GLY A 215 13.63 -3.68 21.92
N TYR A 216 12.31 -3.54 21.74
CA TYR A 216 11.45 -4.57 21.18
C TYR A 216 10.27 -3.97 20.41
N VAL A 217 9.55 -4.80 19.66
CA VAL A 217 8.35 -4.38 18.93
C VAL A 217 7.25 -5.44 19.04
N ASP A 218 6.05 -5.02 19.42
CA ASP A 218 4.88 -5.90 19.46
C ASP A 218 3.92 -5.52 18.33
N LEU A 219 3.36 -6.52 17.67
CA LEU A 219 2.26 -6.35 16.74
C LEU A 219 1.00 -6.85 17.44
N CYS A 220 -0.14 -6.20 17.20
CA CYS A 220 -1.38 -6.50 17.91
C CYS A 220 -2.59 -6.47 16.98
N TYR A 221 -3.04 -7.65 16.55
CA TYR A 221 -4.14 -7.78 15.59
C TYR A 221 -5.45 -8.10 16.30
N ARG A 222 -6.57 -7.57 15.79
CA ARG A 222 -7.89 -7.85 16.36
C ARG A 222 -8.23 -9.33 16.26
N GLY A 223 -8.00 -9.93 15.09
CA GLY A 223 -8.39 -11.33 14.78
C GLY A 223 -7.37 -12.45 14.99
N ASP A 224 -7.48 -13.52 14.20
CA ASP A 224 -6.69 -14.75 14.40
C ASP A 224 -5.32 -14.70 13.77
N LEU A 225 -5.27 -14.30 12.50
CA LEU A 225 -4.05 -14.38 11.69
C LEU A 225 -3.87 -13.08 10.91
N ILE A 226 -2.65 -12.52 10.92
CA ILE A 226 -2.42 -11.23 10.25
C ILE A 226 -2.48 -11.34 8.73
N LEU A 227 -2.76 -10.21 8.09
CA LEU A 227 -2.92 -10.11 6.63
C LEU A 227 -4.12 -10.89 6.09
N ARG A 228 -5.34 -10.43 6.38
CA ARG A 228 -6.54 -10.97 5.73
C ARG A 228 -6.45 -10.76 4.23
N GLY A 229 -6.98 -11.71 3.46
CA GLY A 229 -7.01 -11.62 2.00
C GLY A 229 -5.80 -12.17 1.28
N PHE A 230 -4.76 -12.54 2.01
CA PHE A 230 -3.57 -13.16 1.41
C PHE A 230 -3.67 -14.67 1.58
N ASP A 231 -2.82 -15.38 0.84
CA ASP A 231 -2.79 -16.84 0.94
C ASP A 231 -2.43 -17.29 2.36
N THR A 232 -3.38 -17.98 2.99
CA THR A 232 -3.28 -18.41 4.40
C THR A 232 -1.99 -19.14 4.80
N GLU A 233 -1.33 -19.83 3.87
CA GLU A 233 -0.03 -20.46 4.16
C GLU A 233 1.13 -19.47 4.14
N VAL A 234 1.05 -18.48 3.25
CA VAL A 234 1.98 -17.35 3.27
C VAL A 234 1.80 -16.57 4.57
N ARG A 235 0.55 -16.27 4.91
CA ARG A 235 0.20 -15.55 6.15
C ARG A 235 0.77 -16.23 7.39
N LYS A 236 0.62 -17.55 7.46
CA LYS A 236 1.17 -18.35 8.57
C LYS A 236 2.70 -18.35 8.58
N SER A 237 3.32 -18.60 7.43
CA SER A 237 4.79 -18.61 7.33
C SER A 237 5.40 -17.25 7.67
N LEU A 238 4.69 -16.17 7.36
CA LEU A 238 5.20 -14.81 7.60
C LEU A 238 5.21 -14.50 9.10
N THR A 239 4.06 -14.70 9.74
CA THR A 239 3.93 -14.62 11.22
C THR A 239 5.02 -15.40 11.95
N LYS A 240 5.43 -16.54 11.36
CA LYS A 240 6.52 -17.35 11.89
C LYS A 240 7.87 -16.63 11.76
N GLN A 241 8.14 -16.12 10.56
CA GLN A 241 9.41 -15.45 10.27
C GLN A 241 9.52 -14.06 10.92
N LEU A 242 8.39 -13.43 11.24
CA LEU A 242 8.37 -12.23 12.07
C LEU A 242 8.71 -12.58 13.50
N GLY A 243 8.20 -13.73 13.97
CA GLY A 243 8.62 -14.29 15.24
C GLY A 243 10.13 -14.38 15.28
N ALA A 244 10.69 -15.11 14.33
CA ALA A 244 12.14 -15.38 14.29
C ALA A 244 13.03 -14.14 14.13
N ASN A 245 12.46 -13.02 13.67
CA ASN A 245 13.17 -11.76 13.54
C ASN A 245 12.89 -10.77 14.70
N GLY A 246 12.19 -11.22 15.73
CA GLY A 246 12.01 -10.45 16.95
C GLY A 246 10.63 -9.88 17.19
N ILE A 247 9.83 -9.70 16.13
CA ILE A 247 8.51 -9.07 16.25
C ILE A 247 7.55 -10.01 16.99
N ARG A 248 7.22 -9.64 18.22
CA ARG A 248 6.32 -10.43 19.07
C ARG A 248 4.86 -10.20 18.63
N VAL A 249 4.32 -11.16 17.87
CA VAL A 249 2.96 -11.04 17.31
C VAL A 249 1.96 -11.44 18.38
N ARG A 250 0.86 -10.69 18.48
CA ARG A 250 -0.26 -11.05 19.39
C ARG A 250 -1.58 -10.90 18.68
N THR A 251 -2.45 -11.89 18.86
CA THR A 251 -3.68 -11.99 18.10
C THR A 251 -4.88 -12.04 19.07
N ASN A 252 -6.08 -11.85 18.54
CA ASN A 252 -7.32 -11.79 19.34
C ASN A 252 -7.19 -10.83 20.52
N LEU A 253 -6.57 -9.69 20.22
CA LEU A 253 -6.11 -8.75 21.21
C LEU A 253 -6.21 -7.37 20.60
N ASN A 254 -6.62 -6.40 21.40
CA ASN A 254 -6.82 -5.03 20.90
C ASN A 254 -6.95 -4.09 22.08
N PRO A 255 -6.30 -2.91 22.02
CA PRO A 255 -6.41 -2.04 23.19
C PRO A 255 -7.81 -1.42 23.37
N THR A 256 -8.06 -0.97 24.60
CA THR A 256 -9.25 -0.17 24.95
C THR A 256 -8.82 1.17 25.56
N LYS A 257 -8.10 1.12 26.67
CA LYS A 257 -7.63 2.34 27.34
C LYS A 257 -6.15 2.62 27.04
N ILE A 258 -5.83 3.89 26.79
CA ILE A 258 -4.44 4.39 26.82
C ILE A 258 -4.38 5.67 27.68
N THR A 259 -3.30 5.79 28.47
CA THR A 259 -3.04 6.97 29.31
C THR A 259 -1.55 7.23 29.41
N LYS A 260 -1.18 8.50 29.36
CA LYS A 260 0.22 8.92 29.19
C LYS A 260 0.93 9.16 30.54
N ASN A 261 2.07 8.49 30.74
CA ASN A 261 2.81 8.54 32.02
C ASN A 261 3.68 9.80 32.16
N GLU A 262 4.21 10.01 33.36
CA GLU A 262 5.01 11.20 33.68
C GLU A 262 6.31 11.32 32.89
N ASP A 263 6.85 10.20 32.42
CA ASP A 263 8.05 10.23 31.58
C ASP A 263 7.77 10.47 30.08
N GLY A 264 6.50 10.64 29.69
CA GLY A 264 6.10 10.82 28.29
C GLY A 264 5.50 9.58 27.66
N SER A 265 6.01 8.40 28.03
CA SER A 265 5.55 7.11 27.49
C SER A 265 4.06 6.84 27.75
N ASN A 266 3.51 5.86 27.03
CA ASN A 266 2.07 5.59 27.04
C ASN A 266 1.76 4.22 27.66
N HIS A 267 0.81 4.21 28.59
CA HIS A 267 0.37 2.99 29.28
C HIS A 267 -0.88 2.45 28.58
N VAL A 268 -0.91 1.14 28.32
CA VAL A 268 -1.95 0.52 27.45
C VAL A 268 -2.72 -0.63 28.12
N HIS A 269 -4.06 -0.59 28.03
CA HIS A 269 -4.96 -1.63 28.56
C HIS A 269 -5.62 -2.38 27.39
N PHE A 270 -5.56 -3.71 27.44
CA PHE A 270 -5.91 -4.58 26.31
C PHE A 270 -7.28 -5.28 26.47
N ASN A 271 -7.68 -6.05 25.45
CA ASN A 271 -8.83 -6.99 25.49
C ASN A 271 -8.71 -8.02 26.60
N ASP A 272 -7.61 -8.77 26.61
CA ASP A 272 -7.35 -9.79 27.63
C ASP A 272 -7.26 -9.20 29.04
N GLY A 273 -6.94 -7.91 29.13
CA GLY A 273 -6.91 -7.19 30.41
C GLY A 273 -5.54 -7.23 31.04
N THR A 274 -4.51 -7.07 30.21
CA THR A 274 -3.14 -6.88 30.68
C THR A 274 -2.74 -5.44 30.40
N GLU A 275 -1.63 -5.03 31.01
CA GLU A 275 -1.15 -3.66 30.94
C GLU A 275 0.34 -3.62 30.64
N GLU A 276 0.71 -2.83 29.62
CA GLU A 276 2.10 -2.67 29.21
C GLU A 276 2.38 -1.23 28.82
N ASP A 277 3.66 -0.87 28.83
CA ASP A 277 4.10 0.46 28.40
C ASP A 277 4.77 0.41 27.04
N TYR A 278 4.42 1.38 26.19
CA TYR A 278 5.08 1.60 24.91
C TYR A 278 5.39 3.09 24.71
N ASP A 279 6.48 3.37 24.00
CA ASP A 279 6.87 4.74 23.67
C ASP A 279 5.91 5.35 22.64
N GLN A 280 5.44 4.55 21.68
CA GLN A 280 4.22 4.87 20.91
C GLN A 280 3.43 3.65 20.50
N VAL A 281 2.11 3.82 20.40
CA VAL A 281 1.27 2.88 19.68
C VAL A 281 0.96 3.53 18.34
N MET A 282 1.07 2.73 17.27
CA MET A 282 0.77 3.16 15.90
C MET A 282 -0.44 2.41 15.40
N LEU A 283 -1.47 3.15 15.04
CA LEU A 283 -2.71 2.55 14.58
C LEU A 283 -2.65 2.36 13.07
N ALA A 284 -2.55 1.10 12.65
CA ALA A 284 -2.57 0.71 11.24
C ALA A 284 -3.86 -0.06 10.93
N ILE A 285 -4.97 0.57 11.29
CA ILE A 285 -6.30 -0.04 11.23
C ILE A 285 -6.75 -0.16 9.77
N GLY A 286 -6.22 0.73 8.92
CA GLY A 286 -6.50 0.72 7.50
C GLY A 286 -6.52 2.16 7.01
N ARG A 287 -7.42 2.45 6.07
CA ARG A 287 -7.56 3.79 5.47
C ARG A 287 -8.97 4.01 4.92
N VAL A 288 -9.63 5.08 5.37
CA VAL A 288 -10.93 5.50 4.83
C VAL A 288 -10.72 6.47 3.65
N PRO A 289 -11.63 6.48 2.66
CA PRO A 289 -11.63 7.52 1.61
C PRO A 289 -11.72 8.96 2.15
N ARG A 290 -11.21 9.91 1.37
CA ARG A 290 -11.05 11.29 1.82
C ARG A 290 -12.02 12.24 1.10
N SER A 291 -13.31 11.92 1.22
CA SER A 291 -14.39 12.72 0.63
C SER A 291 -15.22 13.46 1.69
N GLN A 292 -14.71 13.52 2.91
CA GLN A 292 -15.48 14.02 4.06
C GLN A 292 -15.67 15.56 4.02
N ALA A 293 -14.80 16.25 3.29
CA ALA A 293 -14.78 17.72 3.23
C ALA A 293 -15.24 18.33 1.90
N LEU A 294 -15.28 17.55 0.83
CA LEU A 294 -15.42 18.12 -0.52
C LEU A 294 -16.81 18.65 -0.83
N GLN A 295 -17.82 18.25 -0.05
CA GLN A 295 -19.22 18.62 -0.28
C GLN A 295 -19.67 18.08 -1.64
N LEU A 296 -19.82 16.76 -1.71
CA LEU A 296 -20.25 16.10 -2.94
C LEU A 296 -21.76 16.25 -3.09
N ASP A 297 -22.45 16.19 -1.96
CA ASP A 297 -23.87 16.58 -1.82
C ASP A 297 -24.26 17.82 -2.65
N LYS A 298 -23.48 18.90 -2.52
CA LYS A 298 -23.79 20.18 -3.19
C LYS A 298 -23.73 20.14 -4.72
N ALA A 299 -22.93 19.22 -5.28
CA ALA A 299 -22.79 19.08 -6.73
C ALA A 299 -23.63 17.94 -7.33
N GLY A 300 -24.29 17.16 -6.49
CA GLY A 300 -25.05 16.00 -6.94
C GLY A 300 -24.23 14.76 -7.23
N VAL A 301 -23.01 14.69 -6.68
CA VAL A 301 -22.24 13.43 -6.61
C VAL A 301 -22.65 12.77 -5.30
N ARG A 302 -22.78 11.44 -5.31
CA ARG A 302 -23.21 10.68 -4.14
C ARG A 302 -22.21 9.59 -3.81
N THR A 303 -22.14 9.30 -2.51
CA THR A 303 -21.13 8.43 -1.91
C THR A 303 -21.79 7.31 -1.12
N GLY A 304 -21.26 6.09 -1.27
CA GLY A 304 -21.82 4.89 -0.64
C GLY A 304 -21.27 4.65 0.75
N LYS A 305 -20.88 3.41 1.01
CA LYS A 305 -20.37 3.01 2.33
C LYS A 305 -19.12 3.80 2.74
N ASN A 306 -19.30 4.62 3.77
CA ASN A 306 -18.24 5.36 4.45
C ASN A 306 -17.36 6.26 3.53
N GLY A 307 -18.01 7.00 2.64
CA GLY A 307 -17.36 8.07 1.88
C GLY A 307 -16.99 7.74 0.45
N ALA A 308 -16.75 6.47 0.16
CA ALA A 308 -16.33 6.07 -1.18
C ALA A 308 -17.23 6.68 -2.24
N VAL A 309 -16.62 7.27 -3.26
CA VAL A 309 -17.38 7.90 -4.34
C VAL A 309 -17.97 6.82 -5.25
N GLN A 310 -19.27 6.91 -5.53
CA GLN A 310 -19.91 6.02 -6.50
C GLN A 310 -19.38 6.34 -7.88
N VAL A 311 -18.73 5.36 -8.51
CA VAL A 311 -18.22 5.46 -9.88
C VAL A 311 -18.68 4.26 -10.70
N ASP A 312 -18.40 4.26 -12.00
CA ASP A 312 -18.62 3.09 -12.87
C ASP A 312 -17.27 2.55 -13.33
N ALA A 313 -17.26 1.62 -14.28
CA ALA A 313 -16.01 1.04 -14.82
C ALA A 313 -15.14 2.01 -15.64
N TYR A 314 -15.72 3.14 -16.07
CA TYR A 314 -14.98 4.23 -16.71
C TYR A 314 -14.78 5.45 -15.77
N SER A 315 -14.94 5.24 -14.46
CA SER A 315 -14.67 6.23 -13.39
C SER A 315 -15.59 7.47 -13.30
N LYS A 316 -16.65 7.54 -14.13
CA LYS A 316 -17.65 8.65 -14.04
C LYS A 316 -18.48 8.48 -12.78
N THR A 317 -18.88 9.60 -12.18
CA THR A 317 -19.63 9.57 -10.94
C THR A 317 -21.13 9.70 -11.22
N SER A 318 -21.88 9.90 -10.14
CA SER A 318 -23.27 10.34 -10.15
C SER A 318 -23.58 11.52 -11.09
N VAL A 319 -22.58 12.36 -11.39
CA VAL A 319 -22.68 13.44 -12.40
C VAL A 319 -21.83 13.12 -13.64
N ASP A 320 -22.34 13.48 -14.82
CA ASP A 320 -21.71 13.09 -16.12
C ASP A 320 -20.32 13.70 -16.37
N ASN A 321 -20.13 14.94 -15.95
CA ASN A 321 -18.86 15.65 -16.14
C ASN A 321 -17.87 15.36 -14.99
N ILE A 322 -18.36 15.06 -13.78
CA ILE A 322 -17.47 14.74 -12.66
C ILE A 322 -17.00 13.28 -12.73
N TYR A 323 -15.74 13.04 -12.35
CA TYR A 323 -15.11 11.69 -12.28
C TYR A 323 -14.39 11.52 -10.94
N ALA A 324 -13.92 10.30 -10.65
CA ALA A 324 -13.11 10.04 -9.44
C ALA A 324 -12.20 8.80 -9.59
N ILE A 325 -11.01 8.84 -8.97
CA ILE A 325 -10.02 7.74 -9.10
C ILE A 325 -9.19 7.43 -7.84
N GLY A 326 -8.64 6.22 -7.82
CA GLY A 326 -7.70 5.78 -6.79
C GLY A 326 -8.36 5.43 -5.47
N ASP A 327 -7.79 5.93 -4.37
CA ASP A 327 -8.22 5.54 -3.03
C ASP A 327 -9.57 6.11 -2.62
N VAL A 328 -9.93 7.27 -3.15
CA VAL A 328 -11.24 7.87 -2.87
C VAL A 328 -12.38 6.95 -3.32
N THR A 329 -12.19 6.25 -4.44
CA THR A 329 -13.24 5.41 -5.00
C THR A 329 -13.42 4.10 -4.22
N ASN A 330 -12.33 3.61 -3.61
CA ASN A 330 -12.28 2.38 -2.80
C ASN A 330 -12.21 1.09 -3.64
N ARG A 331 -11.87 1.21 -4.92
CA ARG A 331 -11.84 0.03 -5.79
C ARG A 331 -10.69 -0.89 -5.38
N VAL A 332 -9.46 -0.42 -5.51
CA VAL A 332 -8.27 -1.25 -5.22
C VAL A 332 -7.36 -0.65 -4.16
N MET A 333 -7.09 0.65 -4.25
CA MET A 333 -6.32 1.37 -3.20
C MET A 333 -4.80 1.13 -3.31
N LEU A 334 -4.31 1.11 -4.54
CA LEU A 334 -2.88 1.10 -4.82
C LEU A 334 -2.58 2.20 -5.81
N THR A 335 -1.28 2.50 -5.93
CA THR A 335 -0.80 3.57 -6.81
C THR A 335 -0.89 3.22 -8.27
N PRO A 336 -0.23 2.14 -8.71
CA PRO A 336 -0.18 1.89 -10.16
C PRO A 336 -1.57 1.60 -10.76
N VAL A 337 -2.50 1.19 -9.91
CA VAL A 337 -3.93 1.19 -10.21
C VAL A 337 -4.42 2.62 -10.42
N ALA A 338 -4.45 3.43 -9.36
CA ALA A 338 -4.88 4.84 -9.45
C ALA A 338 -4.27 5.58 -10.66
N ILE A 339 -3.01 5.25 -10.99
CA ILE A 339 -2.33 5.78 -12.16
C ILE A 339 -2.99 5.30 -13.45
N ASN A 340 -3.30 4.01 -13.53
CA ASN A 340 -4.02 3.46 -14.69
C ASN A 340 -5.43 4.07 -14.81
N GLU A 341 -6.16 4.07 -13.70
CA GLU A 341 -7.51 4.65 -13.60
C GLU A 341 -7.54 6.10 -14.11
N GLY A 342 -6.55 6.88 -13.69
CA GLY A 342 -6.38 8.26 -14.16
C GLY A 342 -5.95 8.38 -15.61
N ALA A 343 -5.10 7.46 -16.07
CA ALA A 343 -4.63 7.47 -17.46
C ALA A 343 -5.72 7.06 -18.44
N ALA A 344 -6.58 6.13 -18.02
CA ALA A 344 -7.75 5.69 -18.80
C ALA A 344 -8.80 6.79 -18.93
N PHE A 345 -9.03 7.54 -17.84
CA PHE A 345 -9.87 8.75 -17.85
C PHE A 345 -9.49 9.77 -18.94
N VAL A 346 -8.20 9.91 -19.21
CA VAL A 346 -7.70 10.81 -20.25
C VAL A 346 -7.98 10.25 -21.66
N GLU A 347 -7.82 8.94 -21.83
CA GLU A 347 -8.19 8.27 -23.07
C GLU A 347 -9.71 8.29 -23.24
N THR A 348 -10.43 8.03 -22.15
CA THR A 348 -11.91 8.11 -22.09
C THR A 348 -12.40 9.47 -22.55
N VAL A 349 -12.18 10.49 -21.73
CA VAL A 349 -12.76 11.82 -21.96
C VAL A 349 -12.01 12.51 -23.12
N PHE A 350 -10.79 12.95 -22.85
CA PHE A 350 -10.06 13.84 -23.76
C PHE A 350 -9.41 13.15 -24.95
N GLY A 351 -9.27 11.82 -24.88
CA GLY A 351 -8.65 11.03 -25.93
C GLY A 351 -9.60 10.39 -26.93
N GLY A 352 -10.89 10.73 -26.87
CA GLY A 352 -11.87 10.16 -27.79
C GLY A 352 -12.19 8.71 -27.47
N LYS A 353 -11.30 7.80 -27.90
CA LYS A 353 -11.53 6.35 -27.76
C LYS A 353 -11.28 5.82 -26.33
N PRO A 354 -12.35 5.34 -25.64
CA PRO A 354 -12.28 5.14 -24.20
C PRO A 354 -11.76 3.77 -23.80
N ARG A 355 -11.58 3.59 -22.50
CA ARG A 355 -11.10 2.34 -21.93
C ARG A 355 -11.36 2.29 -20.41
N ALA A 356 -11.53 1.08 -19.88
CA ALA A 356 -11.73 0.84 -18.44
C ALA A 356 -10.53 0.10 -17.84
N THR A 357 -10.19 0.44 -16.59
CA THR A 357 -9.02 -0.12 -15.93
C THR A 357 -9.33 -1.55 -15.49
N ASP A 358 -8.39 -2.45 -15.77
CA ASP A 358 -8.55 -3.89 -15.56
C ASP A 358 -8.27 -4.30 -14.11
N HIS A 359 -9.32 -4.36 -13.30
CA HIS A 359 -9.19 -4.58 -11.85
C HIS A 359 -8.80 -6.00 -11.43
N THR A 360 -8.94 -6.97 -12.34
CA THR A 360 -8.64 -8.37 -12.06
C THR A 360 -7.15 -8.67 -12.21
N LYS A 361 -6.68 -9.66 -11.46
CA LYS A 361 -5.31 -10.17 -11.55
C LYS A 361 -4.25 -9.06 -11.44
N VAL A 362 -4.46 -8.13 -10.51
CA VAL A 362 -3.48 -7.07 -10.23
C VAL A 362 -2.45 -7.63 -9.27
N ALA A 363 -1.20 -7.69 -9.71
CA ALA A 363 -0.10 -8.09 -8.85
C ALA A 363 0.19 -6.97 -7.85
N CYS A 364 0.50 -7.36 -6.61
CA CYS A 364 0.95 -6.41 -5.59
C CYS A 364 1.91 -7.09 -4.64
N ALA A 365 2.54 -6.29 -3.78
CA ALA A 365 3.52 -6.80 -2.82
C ALA A 365 3.31 -6.25 -1.42
N VAL A 366 3.88 -6.97 -0.44
CA VAL A 366 4.00 -6.53 0.95
C VAL A 366 5.48 -6.46 1.29
N PHE A 367 5.98 -5.29 1.69
CA PHE A 367 7.40 -5.13 1.98
C PHE A 367 7.72 -5.39 3.45
N SER A 368 7.37 -6.61 3.87
CA SER A 368 7.59 -7.08 5.22
C SER A 368 9.00 -7.63 5.31
N ILE A 369 9.47 -7.88 6.54
CA ILE A 369 10.87 -8.28 6.82
C ILE A 369 11.41 -9.33 5.84
N PRO A 370 10.67 -10.44 5.58
CA PRO A 370 10.76 -11.13 4.29
C PRO A 370 9.47 -10.88 3.49
N PRO A 371 9.58 -10.29 2.29
CA PRO A 371 8.42 -9.72 1.64
C PRO A 371 7.53 -10.74 0.91
N ILE A 372 6.31 -10.32 0.57
CA ILE A 372 5.31 -11.12 -0.14
C ILE A 372 5.09 -10.55 -1.54
N GLY A 373 4.91 -11.43 -2.52
CA GLY A 373 4.48 -11.06 -3.86
C GLY A 373 3.29 -11.93 -4.22
N THR A 374 2.14 -11.31 -4.49
CA THR A 374 0.90 -12.04 -4.81
C THR A 374 0.21 -11.43 -6.02
N CYS A 375 -0.45 -12.29 -6.80
CA CYS A 375 -1.23 -11.86 -7.97
C CYS A 375 -2.38 -12.84 -8.18
N GLY A 376 -3.61 -12.33 -8.14
CA GLY A 376 -4.81 -13.13 -8.40
C GLY A 376 -5.38 -13.87 -7.20
N MET A 377 -6.08 -14.96 -7.47
CA MET A 377 -6.96 -15.63 -6.49
C MET A 377 -6.25 -16.48 -5.45
N THR A 378 -6.83 -16.53 -4.24
CA THR A 378 -6.41 -17.45 -3.19
C THR A 378 -7.13 -18.80 -3.35
N GLU A 379 -6.86 -19.75 -2.47
CA GLU A 379 -7.63 -21.02 -2.43
C GLU A 379 -9.03 -20.70 -1.97
N GLU A 380 -9.08 -19.95 -0.87
CA GLU A 380 -10.32 -19.50 -0.22
C GLU A 380 -11.39 -19.04 -1.21
N GLU A 381 -10.96 -18.28 -2.22
CA GLU A 381 -11.86 -17.74 -3.24
C GLU A 381 -12.00 -18.67 -4.44
N ALA A 382 -10.88 -19.12 -5.00
CA ALA A 382 -10.90 -19.97 -6.20
C ALA A 382 -11.68 -21.28 -6.00
N ALA A 383 -11.53 -21.89 -4.83
CA ALA A 383 -12.28 -23.11 -4.50
C ALA A 383 -13.79 -22.87 -4.45
N LYS A 384 -14.17 -21.66 -4.05
CA LYS A 384 -15.58 -21.24 -4.02
C LYS A 384 -16.12 -20.89 -5.42
N ASN A 385 -15.41 -20.04 -6.16
CA ASN A 385 -15.89 -19.52 -7.46
C ASN A 385 -15.63 -20.39 -8.70
N TYR A 386 -14.95 -21.53 -8.54
CA TYR A 386 -14.63 -22.41 -9.68
C TYR A 386 -14.94 -23.88 -9.38
N GLU A 387 -15.05 -24.64 -10.46
CA GLU A 387 -15.57 -26.02 -10.42
C GLU A 387 -14.61 -26.98 -9.72
N THR A 388 -13.40 -27.13 -10.26
CA THR A 388 -12.41 -28.06 -9.74
C THR A 388 -11.04 -27.38 -9.80
N VAL A 389 -10.56 -26.90 -8.64
CA VAL A 389 -9.26 -26.19 -8.55
C VAL A 389 -8.16 -27.12 -8.00
N ALA A 390 -6.97 -26.99 -8.59
CA ALA A 390 -5.78 -27.68 -8.13
C ALA A 390 -4.89 -26.66 -7.44
N VAL A 391 -4.25 -27.09 -6.34
CA VAL A 391 -3.35 -26.25 -5.58
C VAL A 391 -1.97 -26.88 -5.63
N TYR A 392 -1.01 -26.09 -6.11
CA TYR A 392 0.40 -26.47 -6.22
C TYR A 392 1.12 -25.73 -5.10
N ALA A 393 2.22 -26.29 -4.61
CA ALA A 393 2.96 -25.68 -3.53
C ALA A 393 4.37 -26.25 -3.43
N SER A 394 5.31 -25.41 -3.01
CA SER A 394 6.70 -25.82 -2.85
C SER A 394 7.44 -24.77 -2.04
N SER A 395 7.71 -25.09 -0.79
CA SER A 395 8.53 -24.25 0.06
C SER A 395 9.96 -24.82 0.08
N PHE A 396 10.95 -23.94 0.20
CA PHE A 396 12.37 -24.33 0.23
C PHE A 396 13.22 -23.22 0.84
N THR A 397 14.36 -23.62 1.42
CA THR A 397 15.29 -22.67 2.03
C THR A 397 16.49 -22.53 1.09
N PRO A 398 16.73 -21.31 0.55
CA PRO A 398 17.81 -21.14 -0.42
C PRO A 398 19.18 -21.60 0.07
N LEU A 399 19.92 -22.23 -0.84
CA LEU A 399 21.33 -22.61 -0.68
C LEU A 399 22.15 -21.77 0.33
N MET A 400 22.06 -20.44 0.19
CA MET A 400 22.87 -19.48 0.95
C MET A 400 22.58 -19.39 2.45
N HIS A 401 21.33 -19.55 2.86
CA HIS A 401 20.98 -19.43 4.29
C HIS A 401 21.48 -20.57 5.18
N ASN A 402 22.07 -21.59 4.56
CA ASN A 402 22.84 -22.59 5.30
C ASN A 402 24.13 -21.96 5.81
N ILE A 403 24.73 -21.08 5.01
CA ILE A 403 25.92 -20.34 5.43
C ILE A 403 25.56 -19.19 6.37
N SER A 404 24.55 -18.39 6.04
CA SER A 404 24.22 -17.17 6.81
C SER A 404 23.57 -17.42 8.17
N GLY A 405 23.07 -18.63 8.40
CA GLY A 405 22.48 -18.99 9.67
C GLY A 405 21.15 -18.31 9.95
N SER A 406 20.46 -17.87 8.90
CA SER A 406 19.08 -17.39 9.00
C SER A 406 18.23 -18.47 8.35
N LYS A 407 18.29 -19.68 8.91
CA LYS A 407 17.61 -20.84 8.33
C LYS A 407 16.08 -20.80 8.48
N HIS A 408 15.56 -19.81 9.20
CA HIS A 408 14.13 -19.51 9.19
C HIS A 408 13.58 -18.98 7.86
N LYS A 409 14.43 -18.41 7.00
CA LYS A 409 13.99 -17.75 5.75
C LYS A 409 13.66 -18.75 4.63
N GLU A 410 12.47 -19.33 4.75
CA GLU A 410 11.94 -20.30 3.82
C GLU A 410 11.26 -19.55 2.68
N PHE A 411 11.77 -19.72 1.46
CA PHE A 411 11.08 -19.18 0.27
C PHE A 411 9.92 -20.08 -0.08
N MET A 412 8.72 -19.51 -0.15
CA MET A 412 7.48 -20.26 -0.45
C MET A 412 6.93 -19.83 -1.81
N ILE A 413 6.36 -20.80 -2.53
CA ILE A 413 5.55 -20.53 -3.71
C ILE A 413 4.33 -21.41 -3.61
N ARG A 414 3.24 -20.96 -4.22
CA ARG A 414 2.04 -21.78 -4.34
C ARG A 414 1.14 -21.23 -5.44
N ILE A 415 1.07 -21.98 -6.53
CA ILE A 415 0.23 -21.67 -7.66
C ILE A 415 -1.15 -22.27 -7.41
N ILE A 416 -2.18 -21.53 -7.82
CA ILE A 416 -3.57 -21.97 -7.71
C ILE A 416 -4.20 -21.93 -9.10
N THR A 417 -4.40 -23.11 -9.68
CA THR A 417 -4.99 -23.26 -11.00
C THR A 417 -6.45 -23.67 -10.92
N ASN A 418 -7.11 -23.65 -12.07
CA ASN A 418 -8.39 -24.33 -12.29
C ASN A 418 -8.06 -25.63 -13.05
N GLU A 419 -8.37 -26.77 -12.43
CA GLU A 419 -7.94 -28.08 -12.94
C GLU A 419 -8.61 -28.43 -14.27
N SER A 420 -9.82 -27.92 -14.48
CA SER A 420 -10.54 -28.05 -15.76
C SER A 420 -9.65 -27.70 -16.96
N ASN A 421 -9.12 -26.48 -16.95
CA ASN A 421 -8.35 -25.93 -18.08
C ASN A 421 -6.85 -25.72 -17.84
N GLY A 422 -6.40 -25.86 -16.58
CA GLY A 422 -4.99 -25.61 -16.20
C GLY A 422 -4.58 -24.15 -16.05
N GLU A 423 -5.56 -23.23 -16.04
CA GLU A 423 -5.27 -21.79 -16.01
C GLU A 423 -4.77 -21.39 -14.65
N VAL A 424 -3.69 -20.61 -14.62
CA VAL A 424 -3.14 -20.08 -13.37
C VAL A 424 -4.02 -18.93 -12.90
N LEU A 425 -4.78 -19.19 -11.82
CA LEU A 425 -5.69 -18.19 -11.25
C LEU A 425 -4.96 -17.27 -10.32
N GLY A 426 -4.03 -17.82 -9.53
CA GLY A 426 -3.21 -17.03 -8.61
C GLY A 426 -1.86 -17.64 -8.26
N VAL A 427 -0.87 -16.77 -8.06
CA VAL A 427 0.46 -17.15 -7.61
C VAL A 427 0.76 -16.34 -6.36
N HIS A 428 1.28 -17.03 -5.35
CA HIS A 428 1.61 -16.43 -4.06
C HIS A 428 3.00 -16.81 -3.61
N MET A 429 3.84 -15.80 -3.41
CA MET A 429 5.23 -16.01 -3.07
C MET A 429 5.60 -15.23 -1.83
N LEU A 430 6.40 -15.87 -0.98
CA LEU A 430 6.94 -15.25 0.21
C LEU A 430 8.44 -15.47 0.22
N GLY A 431 9.19 -14.37 0.31
CA GLY A 431 10.63 -14.43 0.43
C GLY A 431 11.34 -13.34 -0.33
N ASP A 432 12.65 -13.29 -0.16
CA ASP A 432 13.44 -12.19 -0.68
C ASP A 432 13.37 -12.27 -2.21
N SER A 433 13.17 -11.10 -2.84
CA SER A 433 12.93 -10.93 -4.30
C SER A 433 11.52 -11.31 -4.82
N ALA A 434 10.58 -11.61 -3.92
CA ALA A 434 9.21 -11.92 -4.36
C ALA A 434 8.51 -10.77 -5.11
N PRO A 435 8.67 -9.52 -4.67
CA PRO A 435 8.05 -8.41 -5.39
C PRO A 435 8.61 -8.17 -6.81
N GLU A 436 9.88 -8.48 -7.03
CA GLU A 436 10.46 -8.33 -8.36
C GLU A 436 9.99 -9.44 -9.29
N ILE A 437 9.83 -10.66 -8.75
CA ILE A 437 9.40 -11.81 -9.55
C ILE A 437 7.94 -11.60 -9.95
N ILE A 438 7.09 -11.32 -8.97
CA ILE A 438 5.63 -11.28 -9.16
C ILE A 438 5.21 -10.35 -10.30
N GLN A 439 5.94 -9.25 -10.53
CA GLN A 439 5.62 -8.31 -11.62
C GLN A 439 5.54 -8.99 -12.99
N SER A 440 6.61 -9.68 -13.36
CA SER A 440 6.63 -10.44 -14.60
C SER A 440 5.72 -11.70 -14.54
N VAL A 441 5.43 -12.21 -13.35
CA VAL A 441 4.40 -13.26 -13.17
C VAL A 441 3.03 -12.70 -13.55
N GLY A 442 2.72 -11.51 -13.04
CA GLY A 442 1.46 -10.83 -13.33
C GLY A 442 1.26 -10.47 -14.80
N ILE A 443 2.35 -10.38 -15.57
CA ILE A 443 2.27 -10.25 -17.03
C ILE A 443 1.76 -11.57 -17.61
N CYS A 444 2.31 -12.68 -17.15
CA CYS A 444 1.85 -14.01 -17.59
C CYS A 444 0.38 -14.24 -17.30
N MET A 445 -0.08 -13.86 -16.11
CA MET A 445 -1.49 -14.07 -15.75
C MET A 445 -2.43 -13.09 -16.48
N LYS A 446 -1.92 -11.92 -16.89
CA LYS A 446 -2.64 -11.01 -17.79
C LYS A 446 -2.89 -11.69 -19.13
N MET A 447 -1.88 -12.40 -19.64
CA MET A 447 -2.01 -13.20 -20.86
C MET A 447 -2.74 -14.54 -20.64
N GLY A 448 -3.50 -14.66 -19.55
CA GLY A 448 -4.26 -15.88 -19.20
C GLY A 448 -3.47 -17.17 -19.09
N ALA A 449 -2.26 -17.09 -18.54
CA ALA A 449 -1.31 -18.21 -18.59
C ALA A 449 -1.80 -19.44 -17.84
N LYS A 450 -1.27 -20.59 -18.26
CA LYS A 450 -1.64 -21.91 -17.76
C LYS A 450 -0.42 -22.62 -17.21
N ILE A 451 -0.60 -23.38 -16.12
CA ILE A 451 0.50 -24.09 -15.44
C ILE A 451 1.42 -24.87 -16.39
N SER A 452 0.89 -25.36 -17.50
CA SER A 452 1.70 -25.97 -18.57
C SER A 452 2.75 -25.02 -19.18
N ASP A 453 2.40 -23.74 -19.32
CA ASP A 453 3.35 -22.71 -19.80
C ASP A 453 4.44 -22.40 -18.79
N PHE A 454 4.08 -22.46 -17.51
CA PHE A 454 5.01 -22.24 -16.41
C PHE A 454 6.11 -23.30 -16.43
N HIS A 455 5.75 -24.55 -16.16
CA HIS A 455 6.76 -25.61 -16.07
C HIS A 455 7.48 -25.95 -17.40
N SER A 456 6.86 -25.70 -18.56
CA SER A 456 7.55 -25.91 -19.85
C SER A 456 8.65 -24.89 -20.17
N THR A 457 8.65 -23.74 -19.47
CA THR A 457 9.70 -22.72 -19.64
C THR A 457 10.98 -23.17 -18.98
N ILE A 458 12.10 -22.98 -19.65
CA ILE A 458 13.37 -23.41 -19.11
C ILE A 458 13.73 -22.60 -17.89
N GLY A 459 14.63 -23.07 -17.05
CA GLY A 459 14.92 -22.29 -15.86
C GLY A 459 16.35 -21.93 -15.50
N VAL A 460 16.51 -20.78 -14.87
CA VAL A 460 17.82 -20.33 -14.40
C VAL A 460 18.17 -21.23 -13.23
N HIS A 461 19.40 -21.70 -13.19
CA HIS A 461 19.84 -22.62 -12.14
C HIS A 461 19.85 -22.14 -10.69
N PRO A 462 20.30 -20.90 -10.47
CA PRO A 462 20.47 -20.38 -9.11
C PRO A 462 19.44 -19.42 -8.50
N THR A 463 18.26 -19.22 -9.09
CA THR A 463 17.36 -18.26 -8.49
C THR A 463 16.12 -18.87 -7.88
N SER A 464 15.58 -18.18 -6.88
CA SER A 464 14.37 -18.58 -6.23
C SER A 464 13.30 -18.69 -7.29
N ALA A 465 13.35 -17.80 -8.27
CA ALA A 465 12.31 -17.72 -9.30
C ALA A 465 12.08 -19.00 -10.09
N GLU A 466 13.15 -19.74 -10.40
CA GLU A 466 13.06 -20.98 -11.20
C GLU A 466 12.16 -22.07 -10.62
N GLU A 467 11.91 -22.03 -9.32
CA GLU A 467 10.98 -22.96 -8.67
C GLU A 467 9.49 -22.72 -9.06
N LEU A 468 9.20 -21.66 -9.83
CA LEU A 468 7.91 -21.57 -10.57
C LEU A 468 7.80 -22.63 -11.67
N CYS A 469 8.89 -22.82 -12.39
CA CYS A 469 8.94 -23.76 -13.52
C CYS A 469 9.25 -25.22 -13.14
N SER A 470 9.12 -25.56 -11.86
CA SER A 470 9.36 -26.93 -11.40
C SER A 470 8.18 -27.46 -10.60
N MET A 471 6.99 -26.91 -10.84
CA MET A 471 5.78 -27.32 -10.12
C MET A 471 4.83 -28.02 -11.11
N ARG A 472 4.71 -29.35 -10.95
CA ARG A 472 3.89 -30.22 -11.82
C ARG A 472 2.79 -30.97 -11.08
N THR A 473 3.18 -31.70 -10.02
CA THR A 473 2.25 -32.47 -9.20
C THR A 473 1.49 -31.53 -8.27
N PRO A 474 0.15 -31.41 -8.43
CA PRO A 474 -0.56 -30.60 -7.45
C PRO A 474 -0.46 -31.22 -6.06
N ALA A 475 -0.29 -30.38 -5.05
CA ALA A 475 -0.21 -30.84 -3.67
C ALA A 475 -1.59 -31.35 -3.20
N TYR A 476 -2.65 -30.62 -3.54
CA TYR A 476 -4.02 -31.10 -3.32
C TYR A 476 -5.02 -30.37 -4.24
N PHE A 477 -6.33 -30.65 -4.10
CA PHE A 477 -7.40 -30.00 -4.88
C PHE A 477 -8.60 -29.63 -3.99
N TYR A 478 -9.40 -28.68 -4.47
CA TYR A 478 -10.76 -28.47 -3.96
C TYR A 478 -11.72 -28.83 -5.10
N GLU A 479 -12.60 -29.79 -4.85
CA GLU A 479 -13.52 -30.33 -5.87
C GLU A 479 -14.93 -29.79 -5.57
N SER A 480 -15.22 -28.63 -6.14
CA SER A 480 -16.53 -27.95 -5.99
C SER A 480 -16.99 -27.80 -4.53
N GLY A 481 -16.04 -27.69 -3.60
CA GLY A 481 -16.40 -27.72 -2.18
C GLY A 481 -15.19 -27.63 -1.28
N LYS A 482 -14.97 -28.66 -0.45
CA LYS A 482 -13.84 -28.68 0.50
C LYS A 482 -12.60 -29.40 -0.09
N ARG A 483 -11.58 -29.55 0.75
CA ARG A 483 -10.28 -30.09 0.33
C ARG A 483 -10.32 -31.61 0.18
N VAL A 484 -9.73 -32.11 -0.92
CA VAL A 484 -9.86 -33.53 -1.33
C VAL A 484 -8.71 -33.96 -2.27
N GLU A 485 -8.77 -35.20 -2.77
CA GLU A 485 -7.89 -35.70 -3.85
C GLU A 485 -8.73 -35.94 -5.13
N LYS A 486 -8.14 -36.57 -6.16
CA LYS A 486 -8.75 -36.58 -7.50
C LYS A 486 -9.80 -37.70 -7.77
N LEU A 487 -11.08 -37.42 -7.46
CA LEU A 487 -12.16 -38.42 -7.63
C LEU A 487 -12.77 -38.40 -9.03
N SER A 488 -13.25 -39.57 -9.48
CA SER A 488 -13.95 -39.71 -10.76
C SER A 488 -15.27 -38.95 -10.77
PA FAD B . -3.13 10.12 -3.35
O1A FAD B . -3.34 9.60 -1.95
O2A FAD B . -1.91 9.73 -4.14
O5B FAD B . -3.10 11.72 -3.31
C5B FAD B . -4.11 12.48 -2.67
C4B FAD B . -3.70 13.95 -2.66
O4B FAD B . -4.88 14.76 -2.59
C3B FAD B . -2.83 14.32 -1.46
O3B FAD B . -1.62 14.95 -1.89
C2B FAD B . -3.67 15.26 -0.62
O2B FAD B . -2.90 16.28 0.02
C1B FAD B . -4.65 15.80 -1.65
N9A FAD B . -5.93 16.29 -1.08
C8A FAD B . -6.64 15.79 -0.07
N7A FAD B . -7.75 16.54 0.14
C5A FAD B . -7.76 17.53 -0.75
C6A FAD B . -8.64 18.68 -1.09
N6A FAD B . -9.78 18.93 -0.41
N1A FAD B . -8.26 19.47 -2.12
C2A FAD B . -7.13 19.25 -2.82
N3A FAD B . -6.30 18.22 -2.56
C4A FAD B . -6.55 17.36 -1.56
N1 FAD B . 0.63 1.51 -3.02
C2 FAD B . 1.40 0.66 -3.75
O2 FAD B . 1.07 0.35 -4.93
N3 FAD B . 2.54 0.13 -3.28
C4 FAD B . 2.98 0.40 -2.05
O4 FAD B . 4.04 -0.12 -1.64
C4X FAD B . 2.19 1.32 -1.18
N5 FAD B . 2.58 1.63 0.08
C5X FAD B . 1.86 2.47 0.86
C6 FAD B . 2.33 2.75 2.15
C7 FAD B . 1.61 3.62 2.98
C7M FAD B . 2.11 3.92 4.37
C8 FAD B . 0.36 4.25 2.49
C8M FAD B . -0.43 5.16 3.39
C9 FAD B . -0.11 3.96 1.21
C9A FAD B . 0.59 3.09 0.35
N10 FAD B . 0.16 2.77 -0.97
C10 FAD B . 0.95 1.88 -1.75
C1' FAD B . -1.08 3.30 -1.56
C2' FAD B . -0.91 4.63 -2.28
O2' FAD B . -0.29 5.59 -1.41
C3' FAD B . -2.26 5.18 -2.78
O3' FAD B . -3.11 4.09 -3.22
C4' FAD B . -2.14 6.18 -3.92
O4' FAD B . -1.34 7.28 -3.51
C5' FAD B . -3.52 6.66 -4.38
O5' FAD B . -3.45 7.76 -5.28
P FAD B . -4.65 8.83 -5.39
O1P FAD B . -4.39 9.63 -6.65
O2P FAD B . -5.98 8.15 -5.13
O3P FAD B . -4.50 9.82 -4.13
CAH BVN C . -17.33 -8.36 8.81
CAG BVN C . -16.18 -9.34 9.04
NAW BVN C . -16.63 -10.75 9.05
CAV BVN C . -17.20 -11.25 10.30
CAU BVN C . -18.73 -11.15 10.15
CAX BVN C . -15.33 -11.49 9.05
CAY BVN C . -14.88 -11.66 7.57
OAZ BVN C . -13.68 -12.50 7.51
CBA BVN C . -12.55 -12.37 8.28
OAI BVN C . -12.02 -13.34 8.82
CBB BVN C . -11.98 -11.09 8.44
CAJ BVN C . -11.92 -10.16 7.38
CAK BVN C . -11.35 -8.90 7.59
CBC BVN C . -11.45 -10.72 9.69
CBD BVN C . -10.87 -9.46 9.89
CAL BVN C . -10.83 -8.54 8.84
NAM BVN C . -10.28 -7.34 8.99
CAN BVN C . -9.15 -6.97 8.14
CAO BVN C . -7.96 -6.82 9.05
CAP BVN C . -7.66 -5.35 9.38
OAA BVN C . -6.76 -4.72 8.81
CAQ BVN C . -8.33 -4.79 10.47
CAR BVN C . -9.55 -4.15 10.30
CAS BVN C . -10.21 -3.59 11.40
CAD BVN C . -9.63 -3.67 12.67
NAE BVN C . -10.24 -3.13 13.73
OAT BVN C . -10.08 -3.76 15.07
OAF BVN C . -11.01 -1.86 13.55
CAC BVN C . -8.40 -4.31 12.84
CAB BVN C . -7.75 -4.86 11.74
S SO4 D . -22.52 27.46 -15.97
O1 SO4 D . -23.15 27.97 -17.21
O2 SO4 D . -21.05 27.69 -16.04
O3 SO4 D . -23.05 28.19 -14.78
O4 SO4 D . -22.79 26.01 -15.80
S SO4 E . -6.58 -3.15 5.83
O1 SO4 E . -7.26 -2.91 4.55
O2 SO4 E . -5.29 -2.40 5.87
O3 SO4 E . -6.33 -4.60 5.98
O4 SO4 E . -7.46 -2.69 6.92
#